data_4C3K
#
_entry.id   4C3K
#
_cell.length_a   122.463
_cell.length_b   122.463
_cell.length_c   80.476
_cell.angle_alpha   90.00
_cell.angle_beta   90.00
_cell.angle_gamma   120.00
#
_symmetry.space_group_name_H-M   'P 61'
#
loop_
_entity.id
_entity.type
_entity.pdbx_description
1 polymer 'NITROGEN REGULATORY PROTEIN P-II'
2 non-polymer 'PHOSPHATE ION'
3 non-polymer "ADENOSINE-5'-DIPHOSPHATE"
#
_entity_poly.entity_id   1
_entity_poly.type   'polypeptide(L)'
_entity_poly.pdbx_seq_one_letter_code
;MKKIEAIIRPFKLDEVKIALVNAGIVGMTVSEVRGFGRQKGQTERYRGSEYTVEFLQKLKLEIVVEDAQVDTVIDKIVAA
ARTGEIGDGKIFVSPVDQTIRIRTGEKNADAISAW
;
_entity_poly.pdbx_strand_id   A,B,C,D,E,F
#
# COMPACT_ATOMS: atom_id res chain seq x y z
N MET A 1 -5.52 14.63 -4.14
CA MET A 1 -4.40 14.76 -5.07
C MET A 1 -3.47 13.55 -5.03
N LYS A 2 -2.92 13.19 -6.19
CA LYS A 2 -1.95 12.12 -6.29
C LYS A 2 -0.70 12.62 -7.02
N LYS A 3 0.45 12.09 -6.65
CA LYS A 3 1.70 12.49 -7.28
C LYS A 3 2.31 11.38 -8.13
N ILE A 4 2.31 11.60 -9.45
CA ILE A 4 2.94 10.67 -10.37
C ILE A 4 4.36 11.12 -10.69
N GLU A 5 5.29 10.19 -10.49
CA GLU A 5 6.70 10.42 -10.71
C GLU A 5 7.23 9.49 -11.79
N ALA A 6 7.54 10.04 -12.96
CA ALA A 6 7.96 9.22 -14.08
C ALA A 6 9.43 9.42 -14.40
N ILE A 7 10.23 8.40 -14.10
CA ILE A 7 11.63 8.42 -14.48
C ILE A 7 11.75 7.83 -15.88
N ILE A 8 12.16 8.66 -16.83
CA ILE A 8 12.17 8.28 -18.23
C ILE A 8 13.51 8.60 -18.88
N ARG A 9 13.64 8.22 -20.15
CA ARG A 9 14.81 8.57 -20.94
C ARG A 9 14.75 10.06 -21.26
N PRO A 10 15.89 10.74 -21.19
CA PRO A 10 15.98 12.19 -21.43
C PRO A 10 15.32 12.64 -22.73
N PHE A 11 15.74 12.08 -23.87
CA PHE A 11 15.27 12.56 -25.17
C PHE A 11 13.76 12.43 -25.37
N LYS A 12 13.11 11.66 -24.51
CA LYS A 12 11.66 11.45 -24.64
C LYS A 12 10.87 12.58 -24.00
N LEU A 13 11.54 13.36 -23.14
CA LEU A 13 10.91 14.44 -22.38
C LEU A 13 9.94 15.26 -23.22
N ASP A 14 10.49 15.94 -24.22
CA ASP A 14 9.72 16.77 -25.13
C ASP A 14 8.45 16.06 -25.58
N GLU A 15 8.62 14.85 -26.12
CA GLU A 15 7.49 14.08 -26.61
C GLU A 15 6.44 13.93 -25.52
N VAL A 16 6.88 13.46 -24.35
CA VAL A 16 5.99 13.25 -23.22
C VAL A 16 5.26 14.54 -22.91
N LYS A 17 6.01 15.65 -22.90
CA LYS A 17 5.43 16.94 -22.58
C LYS A 17 4.23 17.21 -23.47
N ILE A 18 4.42 16.99 -24.77
CA ILE A 18 3.37 17.26 -25.73
C ILE A 18 2.14 16.44 -25.37
N ALA A 19 2.36 15.16 -25.08
CA ALA A 19 1.27 14.27 -24.72
C ALA A 19 0.51 14.84 -23.53
N LEU A 20 1.27 15.26 -22.52
CA LEU A 20 0.65 15.77 -21.30
C LEU A 20 -0.11 17.05 -21.60
N VAL A 21 0.43 17.85 -22.52
CA VAL A 21 -0.21 19.12 -22.85
C VAL A 21 -1.52 18.81 -23.58
N ASN A 22 -1.55 17.68 -24.29
CA ASN A 22 -2.77 17.26 -24.97
C ASN A 22 -3.72 16.56 -24.02
N ALA A 23 -3.23 16.17 -22.86
CA ALA A 23 -4.06 15.50 -21.87
C ALA A 23 -4.72 16.53 -20.97
N GLY A 24 -4.25 17.77 -21.09
CA GLY A 24 -4.77 18.88 -20.33
C GLY A 24 -3.98 19.09 -19.05
N ILE A 25 -2.80 18.50 -18.99
CA ILE A 25 -1.92 18.70 -17.85
C ILE A 25 -1.19 20.02 -18.06
N VAL A 26 -1.37 20.95 -17.13
CA VAL A 26 -0.83 22.29 -17.27
C VAL A 26 0.65 22.37 -16.97
N GLY A 27 1.08 21.68 -15.92
CA GLY A 27 2.46 21.81 -15.45
C GLY A 27 3.10 20.57 -14.88
N MET A 28 4.42 20.59 -14.84
CA MET A 28 5.21 19.49 -14.31
C MET A 28 6.58 20.00 -13.89
N THR A 29 7.31 19.19 -13.12
CA THR A 29 8.66 19.57 -12.67
C THR A 29 9.66 18.49 -13.03
N VAL A 30 10.76 18.89 -13.68
CA VAL A 30 11.77 17.95 -14.14
C VAL A 30 13.12 18.13 -13.47
N SER A 31 13.69 17.03 -12.98
CA SER A 31 15.03 17.04 -12.40
C SER A 31 15.89 16.02 -13.12
N GLU A 32 17.21 16.14 -13.02
CA GLU A 32 18.10 15.21 -13.69
C GLU A 32 18.65 14.17 -12.70
N VAL A 33 18.50 12.90 -13.03
CA VAL A 33 18.94 11.84 -12.12
C VAL A 33 19.75 10.79 -12.87
N ARG A 34 20.44 9.93 -12.13
CA ARG A 34 21.11 8.78 -12.74
C ARG A 34 20.53 7.49 -12.17
N GLY A 35 20.39 6.49 -13.03
CA GLY A 35 19.73 5.25 -12.65
C GLY A 35 20.54 4.01 -12.94
N PHE A 36 20.14 2.90 -12.32
CA PHE A 36 20.80 1.61 -12.49
C PHE A 36 19.76 0.50 -12.57
N GLU A 54 26.66 0.45 -13.00
CA GLU A 54 26.70 1.39 -14.11
C GLU A 54 25.54 2.38 -14.02
N PHE A 55 25.86 3.68 -14.04
CA PHE A 55 24.84 4.69 -13.91
C PHE A 55 24.54 5.38 -15.24
N LEU A 56 23.26 5.44 -15.59
CA LEU A 56 22.84 6.05 -16.84
C LEU A 56 22.01 7.31 -16.61
N GLN A 57 22.19 8.31 -17.47
CA GLN A 57 21.47 9.57 -17.34
C GLN A 57 19.99 9.39 -17.66
N LYS A 58 19.15 9.86 -16.75
CA LYS A 58 17.71 9.77 -16.88
C LYS A 58 17.07 11.05 -16.40
N LEU A 59 15.84 11.29 -16.84
CA LEU A 59 15.09 12.45 -16.39
C LEU A 59 14.03 11.99 -15.41
N LYS A 60 13.77 12.83 -14.43
CA LYS A 60 12.79 12.55 -13.41
C LYS A 60 11.68 13.57 -13.57
N LEU A 61 10.49 13.08 -13.87
CA LEU A 61 9.35 13.97 -14.09
C LEU A 61 8.47 13.91 -12.87
N GLU A 62 8.11 15.10 -12.39
CA GLU A 62 7.26 15.20 -11.22
C GLU A 62 5.98 15.91 -11.60
N ILE A 63 4.88 15.15 -11.62
CA ILE A 63 3.61 15.70 -12.01
C ILE A 63 2.60 15.42 -10.92
N VAL A 64 1.99 16.47 -10.39
CA VAL A 64 0.95 16.28 -9.38
C VAL A 64 -0.39 16.42 -10.09
N VAL A 65 -1.19 15.37 -10.02
CA VAL A 65 -2.41 15.29 -10.78
C VAL A 65 -3.58 14.89 -9.88
N GLU A 66 -4.80 14.87 -10.43
CA GLU A 66 -5.95 14.45 -9.66
C GLU A 66 -6.07 12.92 -9.69
N ASP A 67 -6.62 12.36 -8.61
CA ASP A 67 -6.76 10.92 -8.48
C ASP A 67 -7.48 10.32 -9.67
N ALA A 68 -8.50 11.04 -10.15
CA ALA A 68 -9.31 10.59 -11.28
C ALA A 68 -8.48 10.57 -12.56
N GLN A 69 -7.51 11.49 -12.61
CA GLN A 69 -6.67 11.67 -13.78
C GLN A 69 -5.43 10.78 -13.76
N VAL A 70 -5.20 10.07 -12.65
CA VAL A 70 -3.98 9.29 -12.47
C VAL A 70 -3.75 8.28 -13.59
N ASP A 71 -4.69 7.36 -13.77
CA ASP A 71 -4.58 6.31 -14.79
C ASP A 71 -4.44 6.90 -16.19
N THR A 72 -5.24 7.92 -16.49
CA THR A 72 -5.21 8.57 -17.80
C THR A 72 -3.81 9.10 -18.10
N VAL A 73 -3.29 9.87 -17.15
CA VAL A 73 -1.97 10.48 -17.29
C VAL A 73 -0.89 9.41 -17.41
N ILE A 74 -0.99 8.37 -16.59
CA ILE A 74 -0.03 7.27 -16.62
C ILE A 74 -0.01 6.63 -17.99
N ASP A 75 -1.18 6.29 -18.51
CA ASP A 75 -1.27 5.64 -19.81
C ASP A 75 -0.70 6.54 -20.91
N LYS A 76 -0.87 7.84 -20.75
CA LYS A 76 -0.31 8.79 -21.73
C LYS A 76 1.22 8.77 -21.67
N ILE A 77 1.75 8.89 -20.46
CA ILE A 77 3.20 8.92 -20.25
C ILE A 77 3.85 7.64 -20.77
N VAL A 78 3.28 6.50 -20.39
CA VAL A 78 3.80 5.20 -20.83
C VAL A 78 3.73 5.13 -22.34
N ALA A 79 2.63 5.60 -22.92
CA ALA A 79 2.46 5.59 -24.37
C ALA A 79 3.54 6.43 -25.07
N ALA A 80 3.97 7.51 -24.43
CA ALA A 80 4.90 8.46 -25.05
C ALA A 80 6.37 8.10 -24.85
N ALA A 81 6.71 7.57 -23.68
CA ALA A 81 8.10 7.35 -23.30
C ALA A 81 8.57 5.94 -23.68
N ARG A 82 7.66 5.11 -24.13
CA ARG A 82 7.99 3.74 -24.49
C ARG A 82 8.80 3.69 -25.79
N THR A 83 9.71 2.74 -25.87
CA THR A 83 10.48 2.52 -27.08
C THR A 83 10.36 1.05 -27.44
N GLY A 84 10.39 0.19 -26.43
CA GLY A 84 10.31 -1.24 -26.64
C GLY A 84 11.60 -1.90 -26.22
N GLU A 85 12.53 -1.10 -25.72
CA GLU A 85 13.86 -1.57 -25.37
C GLU A 85 14.17 -1.46 -23.89
N ILE A 86 15.16 -2.23 -23.43
CA ILE A 86 15.52 -2.23 -22.02
C ILE A 86 16.05 -0.86 -21.62
N GLY A 87 15.49 -0.29 -20.56
CA GLY A 87 15.93 1.00 -20.07
C GLY A 87 14.91 2.11 -20.28
N ASP A 88 13.66 1.75 -20.55
CA ASP A 88 12.69 2.78 -20.89
C ASP A 88 12.35 3.67 -19.70
N GLY A 89 12.07 3.06 -18.56
CA GLY A 89 11.88 3.84 -17.35
C GLY A 89 10.86 3.23 -16.41
N LYS A 90 10.52 3.98 -15.36
CA LYS A 90 9.55 3.51 -14.38
C LYS A 90 8.62 4.66 -13.99
N ILE A 91 7.51 4.32 -13.34
CA ILE A 91 6.57 5.31 -12.86
C ILE A 91 6.12 4.93 -11.45
N PHE A 92 6.30 5.84 -10.51
CA PHE A 92 5.92 5.60 -9.11
C PHE A 92 4.82 6.59 -8.75
N VAL A 93 3.72 6.08 -8.21
CA VAL A 93 2.65 6.94 -7.74
C VAL A 93 2.60 6.98 -6.23
N SER A 94 2.64 8.18 -5.67
CA SER A 94 2.61 8.33 -4.22
C SER A 94 1.52 9.32 -3.82
N PRO A 95 0.93 9.12 -2.63
CA PRO A 95 -0.13 10.04 -2.20
C PRO A 95 0.45 11.37 -1.74
N VAL A 96 -0.25 12.46 -2.05
CA VAL A 96 0.11 13.77 -1.54
C VAL A 96 -1.08 14.29 -0.74
N ASP A 97 -0.81 14.70 0.50
CA ASP A 97 -1.85 15.04 1.45
C ASP A 97 -2.37 16.46 1.33
N GLN A 98 -1.57 17.34 0.73
CA GLN A 98 -1.94 18.73 0.63
C GLN A 98 -1.25 19.33 -0.59
N THR A 99 -1.93 20.23 -1.29
CA THR A 99 -1.34 20.90 -2.44
C THR A 99 -1.69 22.38 -2.51
N ILE A 100 -0.66 23.23 -2.52
CA ILE A 100 -0.86 24.67 -2.46
C ILE A 100 -0.11 25.42 -3.55
N ARG A 101 -0.80 26.37 -4.18
CA ARG A 101 -0.14 27.29 -5.08
C ARG A 101 0.30 28.48 -4.25
N ILE A 102 1.54 28.91 -4.45
CA ILE A 102 2.12 29.94 -3.62
C ILE A 102 1.60 31.31 -4.03
N ARG A 103 1.45 31.51 -5.34
CA ARG A 103 1.05 32.79 -5.89
C ARG A 103 -0.32 33.30 -5.41
N THR A 104 -1.33 32.44 -5.46
CA THR A 104 -2.68 32.82 -5.08
C THR A 104 -3.06 32.30 -3.70
N GLY A 105 -2.88 31.00 -3.48
CA GLY A 105 -3.22 30.35 -2.23
C GLY A 105 -4.28 29.28 -2.35
N GLU A 106 -4.68 28.98 -3.58
CA GLU A 106 -5.65 27.91 -3.87
C GLU A 106 -5.09 26.54 -3.51
N LYS A 107 -5.97 25.56 -3.26
CA LYS A 107 -5.54 24.22 -2.87
C LYS A 107 -6.01 23.11 -3.82
N ASN A 108 -5.30 21.98 -3.79
CA ASN A 108 -5.60 20.79 -4.60
C ASN A 108 -5.86 21.11 -6.08
N ALA A 109 -7.00 20.67 -6.60
CA ALA A 109 -7.28 20.78 -8.04
C ALA A 109 -7.22 22.20 -8.59
N ASP A 110 -7.51 23.20 -7.76
CA ASP A 110 -7.43 24.60 -8.18
C ASP A 110 -5.98 25.02 -8.42
N ALA A 111 -5.07 24.42 -7.64
CA ALA A 111 -3.66 24.81 -7.64
C ALA A 111 -2.90 24.36 -8.89
N ILE A 112 -3.46 23.42 -9.64
CA ILE A 112 -2.78 22.89 -10.82
C ILE A 112 -3.56 23.06 -12.12
N SER A 113 -4.55 23.94 -12.11
CA SER A 113 -5.34 24.20 -13.31
C SER A 113 -5.50 25.69 -13.60
N ALA A 114 -5.62 26.03 -14.88
CA ALA A 114 -5.69 27.42 -15.32
C ALA A 114 -7.07 28.03 -15.14
N TRP A 115 -7.18 28.92 -14.16
CA TRP A 115 -8.43 29.61 -13.88
C TRP A 115 -8.28 31.12 -14.10
N MET B 1 3.95 -0.51 -2.04
CA MET B 1 5.29 -0.78 -1.53
C MET B 1 5.88 0.48 -0.89
N LYS B 2 7.19 0.50 -0.69
CA LYS B 2 7.82 1.66 -0.05
C LYS B 2 8.98 2.28 -0.83
N LYS B 3 9.11 3.59 -0.70
CA LYS B 3 10.17 4.36 -1.33
C LYS B 3 11.15 4.91 -0.31
N ILE B 4 12.39 4.43 -0.37
CA ILE B 4 13.44 4.87 0.52
C ILE B 4 14.27 5.99 -0.11
N GLU B 5 14.40 7.10 0.62
CA GLU B 5 15.16 8.25 0.16
C GLU B 5 16.30 8.53 1.13
N ALA B 6 17.52 8.25 0.69
CA ALA B 6 18.70 8.39 1.54
C ALA B 6 19.60 9.53 1.08
N ILE B 7 19.62 10.60 1.86
CA ILE B 7 20.52 11.72 1.63
C ILE B 7 21.84 11.50 2.36
N ILE B 8 22.92 11.37 1.58
CA ILE B 8 24.24 11.03 2.11
C ILE B 8 25.34 11.94 1.56
N ARG B 9 26.56 11.76 2.07
CA ARG B 9 27.72 12.42 1.48
C ARG B 9 28.06 11.72 0.16
N PRO B 10 28.43 12.51 -0.86
CA PRO B 10 28.72 12.03 -2.21
C PRO B 10 29.70 10.85 -2.27
N PHE B 11 30.88 11.02 -1.70
CA PHE B 11 31.97 10.05 -1.84
C PHE B 11 31.67 8.64 -1.32
N LYS B 12 30.60 8.50 -0.54
CA LYS B 12 30.26 7.20 0.01
C LYS B 12 29.44 6.36 -0.95
N LEU B 13 28.91 7.01 -1.99
CA LEU B 13 28.02 6.37 -2.96
C LEU B 13 28.48 4.96 -3.33
N ASP B 14 29.67 4.85 -3.94
CA ASP B 14 30.22 3.56 -4.33
C ASP B 14 30.07 2.52 -3.23
N GLU B 15 30.62 2.81 -2.05
CA GLU B 15 30.53 1.85 -0.94
C GLU B 15 29.09 1.49 -0.69
N VAL B 16 28.26 2.51 -0.53
CA VAL B 16 26.84 2.30 -0.27
C VAL B 16 26.29 1.42 -1.37
N LYS B 17 26.60 1.79 -2.62
CA LYS B 17 26.10 1.07 -3.77
C LYS B 17 26.47 -0.41 -3.65
N ILE B 18 27.73 -0.67 -3.32
CA ILE B 18 28.21 -2.04 -3.23
C ILE B 18 27.38 -2.81 -2.22
N ALA B 19 27.14 -2.21 -1.06
CA ALA B 19 26.37 -2.86 -0.02
C ALA B 19 25.03 -3.31 -0.60
N LEU B 20 24.40 -2.41 -1.33
CA LEU B 20 23.09 -2.69 -1.89
C LEU B 20 23.11 -3.82 -2.92
N VAL B 21 24.19 -3.92 -3.71
CA VAL B 21 24.25 -5.01 -4.68
C VAL B 21 24.40 -6.32 -3.93
N ASN B 22 24.98 -6.24 -2.73
CA ASN B 22 25.13 -7.41 -1.88
C ASN B 22 23.83 -7.69 -1.14
N ALA B 23 22.93 -6.71 -1.15
CA ALA B 23 21.63 -6.84 -0.50
C ALA B 23 20.58 -7.41 -1.43
N GLY B 24 20.89 -7.46 -2.73
CA GLY B 24 19.95 -8.01 -3.70
C GLY B 24 19.06 -6.97 -4.35
N ILE B 25 19.47 -5.71 -4.31
CA ILE B 25 18.71 -4.63 -4.92
C ILE B 25 18.89 -4.56 -6.43
N VAL B 26 17.78 -4.64 -7.16
CA VAL B 26 17.81 -4.68 -8.62
C VAL B 26 18.08 -3.30 -9.23
N GLY B 27 17.44 -2.27 -8.70
CA GLY B 27 17.57 -0.93 -9.25
C GLY B 27 17.48 0.16 -8.21
N MET B 28 18.03 1.32 -8.54
CA MET B 28 18.00 2.48 -7.65
C MET B 28 18.25 3.77 -8.46
N THR B 29 17.93 4.91 -7.86
CA THR B 29 18.10 6.19 -8.56
C THR B 29 18.88 7.22 -7.75
N VAL B 30 19.89 7.83 -8.38
CA VAL B 30 20.73 8.82 -7.70
C VAL B 30 20.62 10.21 -8.33
N SER B 31 20.38 11.22 -7.49
CA SER B 31 20.35 12.61 -7.94
C SER B 31 21.33 13.43 -7.12
N GLU B 32 21.75 14.58 -7.63
CA GLU B 32 22.69 15.44 -6.91
C GLU B 32 21.95 16.61 -6.26
N VAL B 33 22.15 16.79 -4.96
CA VAL B 33 21.44 17.84 -4.23
C VAL B 33 22.43 18.62 -3.35
N ARG B 34 22.04 19.78 -2.87
CA ARG B 34 22.83 20.45 -1.84
C ARG B 34 21.95 20.63 -0.60
N GLY B 35 22.54 20.47 0.57
CA GLY B 35 21.78 20.48 1.81
C GLY B 35 22.32 21.43 2.86
N PHE B 36 21.49 21.74 3.84
CA PHE B 36 21.87 22.63 4.93
C PHE B 36 21.31 22.13 6.26
N PHE B 55 25.64 25.93 1.60
CA PHE B 55 24.97 24.69 1.27
C PHE B 55 26.02 23.68 0.84
N LEU B 56 25.91 22.44 1.31
CA LEU B 56 26.94 21.43 1.07
C LEU B 56 26.51 20.38 0.05
N GLN B 57 27.46 19.93 -0.77
CA GLN B 57 27.18 18.96 -1.80
C GLN B 57 26.82 17.61 -1.19
N LYS B 58 25.67 17.08 -1.57
CA LYS B 58 25.19 15.80 -1.06
C LYS B 58 24.50 15.00 -2.17
N LEU B 59 24.39 13.69 -1.94
CA LEU B 59 23.72 12.81 -2.89
C LEU B 59 22.37 12.35 -2.35
N LYS B 60 21.41 12.20 -3.26
CA LYS B 60 20.07 11.75 -2.89
C LYS B 60 19.77 10.42 -3.56
N LEU B 61 19.51 9.40 -2.77
CA LEU B 61 19.27 8.06 -3.29
C LEU B 61 17.79 7.70 -3.20
N GLU B 62 17.19 7.25 -4.30
CA GLU B 62 15.80 6.84 -4.28
C GLU B 62 15.60 5.40 -4.74
N ILE B 63 15.20 4.53 -3.82
CA ILE B 63 15.00 3.12 -4.14
C ILE B 63 13.62 2.64 -3.71
N VAL B 64 12.86 2.10 -4.66
CA VAL B 64 11.54 1.56 -4.32
C VAL B 64 11.59 0.05 -4.14
N VAL B 65 11.24 -0.40 -2.94
CA VAL B 65 11.33 -1.80 -2.55
C VAL B 65 10.02 -2.26 -1.90
N GLU B 66 9.96 -3.55 -1.56
CA GLU B 66 8.80 -4.12 -0.87
C GLU B 66 8.90 -3.86 0.63
N ASP B 67 7.74 -3.83 1.29
CA ASP B 67 7.66 -3.47 2.71
C ASP B 67 8.56 -4.30 3.62
N ALA B 68 8.69 -5.59 3.34
CA ALA B 68 9.46 -6.49 4.20
C ALA B 68 10.96 -6.24 4.21
N GLN B 69 11.50 -5.81 3.08
CA GLN B 69 12.96 -5.66 2.96
C GLN B 69 13.48 -4.27 3.34
N VAL B 70 12.58 -3.32 3.59
CA VAL B 70 12.98 -1.93 3.81
C VAL B 70 14.06 -1.84 4.90
N ASP B 71 13.79 -2.44 6.06
CA ASP B 71 14.70 -2.38 7.20
C ASP B 71 16.08 -2.88 6.78
N THR B 72 16.09 -3.99 6.05
CA THR B 72 17.34 -4.58 5.62
C THR B 72 18.14 -3.54 4.84
N VAL B 73 17.47 -2.90 3.88
CA VAL B 73 18.13 -1.91 3.05
C VAL B 73 18.64 -0.79 3.94
N ILE B 74 17.80 -0.38 4.89
CA ILE B 74 18.16 0.68 5.83
C ILE B 74 19.43 0.25 6.54
N ASP B 75 19.43 -0.98 7.04
CA ASP B 75 20.55 -1.51 7.80
C ASP B 75 21.83 -1.47 6.99
N LYS B 76 21.71 -1.65 5.68
CA LYS B 76 22.87 -1.56 4.81
C LYS B 76 23.33 -0.11 4.71
N ILE B 77 22.39 0.79 4.43
CA ILE B 77 22.72 2.20 4.20
C ILE B 77 23.45 2.79 5.39
N VAL B 78 22.85 2.64 6.56
CA VAL B 78 23.44 3.16 7.78
C VAL B 78 24.81 2.53 7.97
N ALA B 79 24.92 1.22 7.70
CA ALA B 79 26.19 0.54 7.86
C ALA B 79 27.27 1.11 6.95
N ALA B 80 26.86 1.53 5.75
CA ALA B 80 27.85 1.97 4.76
C ALA B 80 28.18 3.45 4.83
N ALA B 81 27.18 4.28 5.07
CA ALA B 81 27.35 5.73 4.99
C ALA B 81 27.70 6.39 6.32
N ARG B 82 27.64 5.64 7.41
CA ARG B 82 27.92 6.21 8.72
C ARG B 82 29.42 6.45 8.88
N THR B 83 29.77 7.48 9.64
CA THR B 83 31.18 7.74 9.93
C THR B 83 31.40 7.85 11.42
N GLY B 84 30.49 8.53 12.11
CA GLY B 84 30.59 8.72 13.54
C GLY B 84 30.80 10.21 13.79
N GLU B 85 30.91 10.95 12.70
CA GLU B 85 31.17 12.38 12.73
C GLU B 85 30.03 13.14 12.06
N ILE B 86 29.96 14.44 12.32
CA ILE B 86 28.87 15.27 11.79
C ILE B 86 28.90 15.24 10.26
N GLY B 87 27.73 15.03 9.68
CA GLY B 87 27.58 14.85 8.25
C GLY B 87 26.35 13.99 8.16
N ASP B 88 25.58 14.03 9.25
CA ASP B 88 24.47 13.13 9.45
C ASP B 88 23.39 13.31 8.40
N GLY B 89 23.49 12.50 7.35
CA GLY B 89 22.46 12.48 6.33
C GLY B 89 21.20 11.84 6.90
N LYS B 90 20.21 11.62 6.04
CA LYS B 90 18.94 11.09 6.55
C LYS B 90 18.33 10.01 5.64
N ILE B 91 17.31 9.32 6.16
CA ILE B 91 16.58 8.30 5.40
C ILE B 91 15.09 8.45 5.62
N PHE B 92 14.34 8.57 4.53
CA PHE B 92 12.90 8.72 4.62
C PHE B 92 12.20 7.55 3.93
N VAL B 93 11.23 6.94 4.61
CA VAL B 93 10.43 5.90 4.00
C VAL B 93 9.05 6.50 3.68
N SER B 94 8.64 6.39 2.43
CA SER B 94 7.36 6.97 2.00
C SER B 94 6.52 5.92 1.29
N PRO B 95 5.19 6.05 1.37
CA PRO B 95 4.35 5.05 0.71
C PRO B 95 4.30 5.21 -0.80
N VAL B 96 4.27 4.09 -1.51
CA VAL B 96 4.07 4.09 -2.96
C VAL B 96 2.83 3.26 -3.29
N ASP B 97 1.88 3.88 -3.97
CA ASP B 97 0.59 3.26 -4.24
C ASP B 97 0.61 2.42 -5.51
N GLN B 98 1.52 2.76 -6.41
CA GLN B 98 1.62 2.11 -7.71
C GLN B 98 3.02 2.22 -8.26
N THR B 99 3.46 1.19 -8.97
CA THR B 99 4.72 1.24 -9.69
C THR B 99 4.57 0.58 -11.06
N ILE B 100 4.87 1.33 -12.11
CA ILE B 100 4.63 0.84 -13.46
C ILE B 100 5.93 0.88 -14.26
N ARG B 101 6.19 -0.19 -14.99
CA ARG B 101 7.34 -0.26 -15.86
C ARG B 101 6.93 0.23 -17.25
N ILE B 102 7.74 1.09 -17.86
CA ILE B 102 7.36 1.73 -19.10
C ILE B 102 7.47 0.81 -20.32
N ARG B 103 8.51 -0.01 -20.38
CA ARG B 103 8.72 -0.88 -21.55
C ARG B 103 7.55 -1.82 -21.78
N THR B 104 7.12 -2.50 -20.72
CA THR B 104 6.07 -3.50 -20.82
C THR B 104 4.71 -2.99 -20.40
N GLY B 105 4.63 -2.40 -19.20
CA GLY B 105 3.38 -1.91 -18.68
C GLY B 105 2.98 -2.64 -17.41
N GLU B 106 3.88 -3.45 -16.89
CA GLU B 106 3.65 -4.22 -15.67
C GLU B 106 3.45 -3.31 -14.46
N LYS B 107 2.70 -3.81 -13.47
CA LYS B 107 2.45 -3.04 -12.26
C LYS B 107 2.87 -3.82 -11.02
N ASN B 108 3.22 -3.10 -9.95
CA ASN B 108 3.57 -3.69 -8.66
C ASN B 108 4.56 -4.86 -8.72
N MET C 1 5.16 11.63 10.63
CA MET C 1 6.03 12.66 10.07
C MET C 1 5.52 13.10 8.71
N LYS C 2 5.71 14.37 8.38
CA LYS C 2 5.25 14.87 7.09
C LYS C 2 6.37 15.56 6.31
N LYS C 3 6.31 15.46 4.98
CA LYS C 3 7.30 16.07 4.12
C LYS C 3 6.73 17.24 3.30
N ILE C 4 7.26 18.43 3.56
CA ILE C 4 6.89 19.61 2.82
C ILE C 4 7.88 19.79 1.68
N GLU C 5 7.34 19.86 0.46
CA GLU C 5 8.14 20.00 -0.74
C GLU C 5 7.76 21.28 -1.48
N ALA C 6 8.65 22.25 -1.46
CA ALA C 6 8.33 23.56 -2.05
C ALA C 6 9.14 23.86 -3.30
N ILE C 7 8.46 23.86 -4.45
CA ILE C 7 9.09 24.28 -5.69
C ILE C 7 8.92 25.78 -5.83
N ILE C 8 10.03 26.52 -5.80
CA ILE C 8 9.99 27.97 -5.80
C ILE C 8 10.96 28.57 -6.82
N ARG C 9 10.93 29.90 -6.93
CA ARG C 9 11.89 30.61 -7.76
C ARG C 9 13.25 30.58 -7.08
N PRO C 10 14.33 30.40 -7.87
CA PRO C 10 15.70 30.29 -7.37
C PRO C 10 16.11 31.41 -6.40
N PHE C 11 16.02 32.66 -6.86
CA PHE C 11 16.57 33.81 -6.11
C PHE C 11 15.96 34.01 -4.73
N LYS C 12 14.83 33.33 -4.48
CA LYS C 12 14.08 33.44 -3.24
C LYS C 12 14.63 32.53 -2.15
N LEU C 13 15.44 31.56 -2.57
CA LEU C 13 16.00 30.55 -1.67
C LEU C 13 16.42 31.08 -0.32
N ASP C 14 17.44 31.93 -0.34
CA ASP C 14 17.97 32.57 0.86
C ASP C 14 16.83 33.12 1.70
N GLU C 15 15.99 33.95 1.09
CA GLU C 15 14.86 34.54 1.79
C GLU C 15 14.04 33.46 2.47
N VAL C 16 13.61 32.49 1.68
CA VAL C 16 12.78 31.41 2.21
C VAL C 16 13.53 30.76 3.35
N LYS C 17 14.81 30.49 3.11
CA LYS C 17 15.64 29.83 4.11
C LYS C 17 15.60 30.57 5.43
N ILE C 18 15.78 31.89 5.41
CA ILE C 18 15.83 32.63 6.67
C ILE C 18 14.51 32.42 7.42
N ALA C 19 13.38 32.49 6.70
CA ALA C 19 12.09 32.31 7.33
C ALA C 19 12.07 30.97 8.04
N LEU C 20 12.52 29.95 7.34
CA LEU C 20 12.52 28.59 7.87
C LEU C 20 13.45 28.51 9.06
N VAL C 21 14.55 29.23 8.99
CA VAL C 21 15.54 29.21 10.06
C VAL C 21 14.93 29.85 11.31
N ASN C 22 14.03 30.81 11.12
CA ASN C 22 13.34 31.42 12.25
C ASN C 22 12.15 30.60 12.72
N ALA C 23 11.76 29.62 11.92
CA ALA C 23 10.62 28.77 12.25
C ALA C 23 11.04 27.61 13.14
N GLY C 24 12.35 27.41 13.28
CA GLY C 24 12.87 26.33 14.09
C GLY C 24 13.17 25.11 13.26
N ILE C 25 13.33 25.32 11.96
CA ILE C 25 13.68 24.25 11.05
C ILE C 25 15.17 23.94 11.16
N VAL C 26 15.49 22.70 11.50
CA VAL C 26 16.88 22.29 11.69
C VAL C 26 17.61 22.07 10.35
N GLY C 27 16.94 21.42 9.39
CA GLY C 27 17.58 21.10 8.12
C GLY C 27 16.61 21.08 6.95
N MET C 28 17.16 21.21 5.74
CA MET C 28 16.38 21.09 4.53
C MET C 28 17.35 20.76 3.41
N THR C 29 16.84 20.27 2.29
CA THR C 29 17.68 19.96 1.14
C THR C 29 17.11 20.62 -0.10
N VAL C 30 17.95 21.34 -0.83
CA VAL C 30 17.51 22.05 -2.01
C VAL C 30 18.18 21.49 -3.25
N SER C 31 17.38 21.18 -4.26
CA SER C 31 17.88 20.65 -5.51
C SER C 31 17.50 21.57 -6.64
N GLU C 32 18.21 21.45 -7.75
CA GLU C 32 17.95 22.29 -8.90
C GLU C 32 17.13 21.54 -9.92
N VAL C 33 16.01 22.14 -10.32
CA VAL C 33 15.11 21.49 -11.25
C VAL C 33 14.72 22.46 -12.35
N ARG C 34 14.11 21.93 -13.40
CA ARG C 34 13.51 22.75 -14.42
C ARG C 34 12.03 22.50 -14.34
N GLY C 35 11.25 23.55 -14.55
CA GLY C 35 9.83 23.45 -14.36
C GLY C 35 9.07 23.89 -15.58
N PHE C 36 7.81 23.48 -15.65
CA PHE C 36 6.95 23.77 -16.77
C PHE C 36 5.58 24.12 -16.21
N GLY C 37 5.04 25.24 -16.66
CA GLY C 37 3.81 25.80 -16.14
C GLY C 37 3.34 26.85 -17.12
N ARG C 38 2.44 27.72 -16.67
CA ARG C 38 1.98 28.85 -17.48
C ARG C 38 3.19 29.57 -18.08
N GLN C 39 4.19 29.82 -17.24
CA GLN C 39 5.48 30.35 -17.68
C GLN C 39 6.46 30.30 -16.52
N GLU C 50 14.02 34.60 -32.30
CA GLU C 50 12.76 35.17 -31.85
C GLU C 50 11.95 34.18 -31.02
N TYR C 51 12.56 33.64 -29.97
CA TYR C 51 11.87 32.70 -29.09
C TYR C 51 12.50 32.67 -27.70
N THR C 52 11.82 32.03 -26.75
CA THR C 52 12.28 31.95 -25.36
C THR C 52 12.12 30.53 -24.79
N VAL C 53 13.06 30.14 -23.93
CA VAL C 53 13.11 28.81 -23.30
C VAL C 53 11.74 28.31 -22.78
N GLU C 54 11.53 27.01 -22.82
CA GLU C 54 10.25 26.42 -22.39
C GLU C 54 10.28 25.99 -20.91
N PHE C 55 11.42 25.48 -20.44
CA PHE C 55 11.50 25.04 -19.05
C PHE C 55 12.28 26.09 -18.27
N LEU C 56 11.79 26.47 -17.11
CA LEU C 56 12.40 27.55 -16.36
C LEU C 56 13.14 26.99 -15.15
N GLN C 57 14.28 27.59 -14.82
CA GLN C 57 15.06 27.10 -13.69
C GLN C 57 14.30 27.40 -12.41
N LYS C 58 14.10 26.37 -11.60
CA LYS C 58 13.39 26.50 -10.35
C LYS C 58 14.07 25.64 -9.30
N LEU C 59 13.80 25.94 -8.04
CA LEU C 59 14.39 25.19 -6.94
C LEU C 59 13.38 24.28 -6.28
N LYS C 60 13.85 23.12 -5.81
CA LYS C 60 13.01 22.16 -5.14
C LYS C 60 13.49 22.02 -3.71
N LEU C 61 12.62 22.36 -2.76
CA LEU C 61 12.98 22.33 -1.35
C LEU C 61 12.33 21.14 -0.68
N GLU C 62 13.13 20.39 0.08
CA GLU C 62 12.63 19.22 0.78
C GLU C 62 12.86 19.37 2.28
N ILE C 63 11.78 19.55 3.03
CA ILE C 63 11.85 19.75 4.47
C ILE C 63 10.95 18.76 5.19
N VAL C 64 11.53 17.95 6.06
CA VAL C 64 10.74 16.98 6.82
C VAL C 64 10.46 17.46 8.24
N VAL C 65 9.17 17.55 8.55
CA VAL C 65 8.72 18.17 9.78
C VAL C 65 7.66 17.28 10.49
N GLU C 66 7.27 17.62 11.73
CA GLU C 66 6.23 16.87 12.44
C GLU C 66 4.86 17.41 12.03
N ASP C 67 3.84 16.56 12.11
CA ASP C 67 2.50 16.90 11.62
C ASP C 67 1.93 18.21 12.18
N ALA C 68 2.20 18.50 13.45
CA ALA C 68 1.58 19.67 14.11
C ALA C 68 2.01 21.05 13.60
N GLN C 69 3.28 21.23 13.25
CA GLN C 69 3.75 22.56 12.82
C GLN C 69 3.68 22.76 11.31
N VAL C 70 3.28 21.72 10.58
CA VAL C 70 3.31 21.72 9.11
C VAL C 70 2.68 22.99 8.56
N ASP C 71 1.42 23.22 8.93
CA ASP C 71 0.67 24.34 8.41
C ASP C 71 1.41 25.65 8.65
N THR C 72 1.93 25.84 9.87
CA THR C 72 2.62 27.08 10.18
C THR C 72 3.77 27.26 9.20
N VAL C 73 4.56 26.21 9.04
CA VAL C 73 5.72 26.29 8.16
C VAL C 73 5.26 26.63 6.75
N ILE C 74 4.17 26.00 6.32
CA ILE C 74 3.63 26.25 4.99
C ILE C 74 3.34 27.74 4.89
N ASP C 75 2.64 28.26 5.90
CA ASP C 75 2.25 29.65 5.93
C ASP C 75 3.46 30.56 5.86
N LYS C 76 4.57 30.10 6.45
CA LYS C 76 5.80 30.88 6.38
C LYS C 76 6.34 30.84 4.96
N ILE C 77 6.45 29.64 4.41
CA ILE C 77 7.05 29.45 3.09
C ILE C 77 6.32 30.28 2.06
N VAL C 78 4.99 30.18 2.04
CA VAL C 78 4.18 30.94 1.10
C VAL C 78 4.42 32.42 1.30
N ALA C 79 4.44 32.85 2.56
CA ALA C 79 4.62 34.26 2.89
C ALA C 79 5.96 34.73 2.34
N ALA C 80 6.92 33.81 2.34
CA ALA C 80 8.25 34.13 1.89
C ALA C 80 8.31 33.94 0.38
N ALA C 81 7.58 32.95 -0.12
CA ALA C 81 7.73 32.56 -1.52
C ALA C 81 6.79 33.27 -2.47
N ARG C 82 5.83 34.02 -1.94
CA ARG C 82 4.89 34.76 -2.78
C ARG C 82 5.51 36.01 -3.40
N THR C 83 5.10 36.32 -4.62
CA THR C 83 5.49 37.56 -5.28
C THR C 83 4.20 38.20 -5.79
N GLY C 84 3.32 37.36 -6.34
CA GLY C 84 2.04 37.81 -6.86
C GLY C 84 1.90 37.65 -8.36
N GLU C 85 2.98 37.20 -9.00
CA GLU C 85 3.00 37.04 -10.44
C GLU C 85 3.23 35.59 -10.80
N ILE C 86 2.91 35.22 -12.04
CA ILE C 86 2.95 33.83 -12.48
C ILE C 86 4.34 33.21 -12.39
N GLY C 87 4.42 32.04 -11.77
CA GLY C 87 5.67 31.33 -11.61
C GLY C 87 6.17 31.23 -10.17
N ASP C 88 5.30 31.51 -9.21
CA ASP C 88 5.74 31.55 -7.81
C ASP C 88 6.07 30.16 -7.31
N GLY C 89 5.37 29.15 -7.81
CA GLY C 89 5.70 27.78 -7.47
C GLY C 89 4.59 27.03 -6.76
N LYS C 90 4.93 25.85 -6.24
CA LYS C 90 3.94 25.01 -5.56
C LYS C 90 4.47 24.45 -4.26
N ILE C 91 3.57 23.91 -3.45
CA ILE C 91 3.92 23.27 -2.20
C ILE C 91 3.12 21.98 -2.06
N PHE C 92 3.83 20.86 -1.91
CA PHE C 92 3.20 19.56 -1.78
C PHE C 92 3.53 18.93 -0.44
N VAL C 93 2.52 18.46 0.27
CA VAL C 93 2.75 17.75 1.52
C VAL C 93 2.51 16.25 1.35
N SER C 94 3.50 15.44 1.72
CA SER C 94 3.40 14.00 1.54
C SER C 94 3.66 13.26 2.85
N PRO C 95 3.05 12.08 3.01
CA PRO C 95 3.26 11.35 4.26
C PRO C 95 4.64 10.69 4.30
N VAL C 96 5.26 10.70 5.48
CA VAL C 96 6.52 10.00 5.69
C VAL C 96 6.37 8.98 6.81
N ASP C 97 6.71 7.73 6.51
CA ASP C 97 6.45 6.65 7.44
C ASP C 97 7.58 6.46 8.45
N GLN C 98 8.78 6.89 8.07
CA GLN C 98 9.95 6.73 8.93
C GLN C 98 11.01 7.76 8.56
N THR C 99 11.73 8.25 9.57
CA THR C 99 12.86 9.14 9.35
C THR C 99 14.02 8.79 10.29
N ILE C 100 15.18 8.51 9.70
CA ILE C 100 16.32 8.02 10.44
C ILE C 100 17.57 8.85 10.18
N ARG C 101 18.30 9.18 11.23
CA ARG C 101 19.59 9.87 11.10
C ARG C 101 20.72 8.84 10.99
N ILE C 102 21.62 9.04 10.04
CA ILE C 102 22.65 8.06 9.73
C ILE C 102 23.79 8.01 10.73
N ARG C 103 24.24 9.18 11.16
CA ARG C 103 25.39 9.30 12.06
C ARG C 103 25.16 8.57 13.38
N THR C 104 24.00 8.80 13.99
CA THR C 104 23.68 8.24 15.30
C THR C 104 22.79 7.01 15.22
N GLY C 105 21.67 7.14 14.52
CA GLY C 105 20.72 6.05 14.43
C GLY C 105 19.38 6.45 15.04
N GLU C 106 19.24 7.73 15.37
CA GLU C 106 18.01 8.24 15.96
C GLU C 106 16.86 8.08 14.98
N LYS C 107 15.64 7.95 15.52
CA LYS C 107 14.47 7.83 14.67
C LYS C 107 13.44 8.89 15.04
N ASN C 108 12.57 9.22 14.09
CA ASN C 108 11.50 10.18 14.29
C ASN C 108 11.93 11.51 14.92
N MET D 1 -2.72 -11.56 -9.50
CA MET D 1 -3.97 -11.92 -8.84
C MET D 1 -4.32 -10.89 -7.76
N LYS D 2 -5.59 -10.56 -7.65
CA LYS D 2 -6.05 -9.64 -6.60
C LYS D 2 -7.25 -10.24 -5.88
N LYS D 3 -7.36 -9.93 -4.59
CA LYS D 3 -8.45 -10.41 -3.76
C LYS D 3 -9.36 -9.26 -3.37
N ILE D 4 -10.59 -9.32 -3.87
CA ILE D 4 -11.62 -8.33 -3.56
C ILE D 4 -12.46 -8.83 -2.40
N GLU D 5 -12.54 -8.01 -1.35
CA GLU D 5 -13.30 -8.35 -0.16
C GLU D 5 -14.37 -7.29 0.03
N ALA D 6 -15.62 -7.68 -0.21
CA ALA D 6 -16.72 -6.72 -0.17
C ALA D 6 -17.65 -6.99 1.01
N ILE D 7 -17.60 -6.10 1.99
CA ILE D 7 -18.54 -6.15 3.10
C ILE D 7 -19.75 -5.32 2.70
N ILE D 8 -20.88 -6.02 2.55
CA ILE D 8 -22.10 -5.42 2.05
C ILE D 8 -23.28 -5.78 2.96
N ARG D 9 -24.44 -5.20 2.64
CA ARG D 9 -25.68 -5.53 3.32
C ARG D 9 -26.11 -6.91 2.85
N PRO D 10 -26.61 -7.74 3.78
CA PRO D 10 -27.02 -9.12 3.48
C PRO D 10 -27.95 -9.25 2.27
N PHE D 11 -29.08 -8.55 2.31
CA PHE D 11 -30.13 -8.71 1.30
C PHE D 11 -29.67 -8.37 -0.11
N LYS D 12 -28.51 -7.72 -0.22
CA LYS D 12 -27.99 -7.28 -1.51
C LYS D 12 -27.27 -8.40 -2.24
N LEU D 13 -26.89 -9.43 -1.47
CA LEU D 13 -26.08 -10.55 -1.97
C LEU D 13 -26.47 -11.00 -3.37
N ASP D 14 -27.70 -11.51 -3.50
CA ASP D 14 -28.23 -12.00 -4.76
C ASP D 14 -27.94 -11.03 -5.90
N GLU D 15 -28.34 -9.77 -5.74
CA GLU D 15 -28.14 -8.77 -6.79
C GLU D 15 -26.67 -8.74 -7.21
N VAL D 16 -25.79 -8.60 -6.22
CA VAL D 16 -24.36 -8.53 -6.49
C VAL D 16 -23.96 -9.74 -7.29
N LYS D 17 -24.42 -10.91 -6.86
CA LYS D 17 -24.08 -12.17 -7.51
C LYS D 17 -24.41 -12.08 -8.99
N ILE D 18 -25.62 -11.62 -9.29
CA ILE D 18 -26.06 -11.54 -10.67
C ILE D 18 -25.10 -10.68 -11.46
N ALA D 19 -24.74 -9.52 -10.90
CA ALA D 19 -23.84 -8.59 -11.55
C ALA D 19 -22.56 -9.33 -11.89
N LEU D 20 -22.05 -10.08 -10.92
CA LEU D 20 -20.79 -10.76 -11.10
C LEU D 20 -20.90 -11.82 -12.20
N VAL D 21 -22.04 -12.50 -12.27
CA VAL D 21 -22.21 -13.52 -13.30
C VAL D 21 -22.33 -12.83 -14.66
N ASN D 22 -22.88 -11.62 -14.64
CA ASN D 22 -22.98 -10.84 -15.87
C ASN D 22 -21.66 -10.17 -16.17
N ALA D 23 -20.78 -10.15 -15.17
CA ALA D 23 -19.45 -9.58 -15.33
C ALA D 23 -18.52 -10.69 -15.82
N GLY D 24 -19.01 -11.92 -15.73
CA GLY D 24 -18.28 -13.09 -16.16
C GLY D 24 -17.52 -13.73 -15.02
N ILE D 25 -17.89 -13.37 -13.80
CA ILE D 25 -17.27 -13.99 -12.63
C ILE D 25 -17.93 -15.32 -12.35
N VAL D 26 -17.14 -16.39 -12.38
CA VAL D 26 -17.67 -17.75 -12.22
C VAL D 26 -17.96 -18.10 -10.76
N GLY D 27 -17.08 -17.69 -9.85
CA GLY D 27 -17.22 -18.11 -8.46
C GLY D 27 -16.80 -17.09 -7.41
N MET D 28 -17.30 -17.28 -6.19
CA MET D 28 -16.99 -16.40 -5.07
C MET D 28 -17.22 -17.13 -3.75
N THR D 29 -16.73 -16.55 -2.65
CA THR D 29 -16.93 -17.15 -1.33
C THR D 29 -17.54 -16.15 -0.36
N VAL D 30 -18.64 -16.54 0.28
CA VAL D 30 -19.36 -15.64 1.19
C VAL D 30 -19.39 -16.12 2.64
N SER D 31 -19.05 -15.24 3.56
CA SER D 31 -19.11 -15.54 4.99
C SER D 31 -20.00 -14.54 5.72
N GLU D 32 -20.45 -14.90 6.92
CA GLU D 32 -21.31 -14.03 7.70
C GLU D 32 -20.52 -13.29 8.78
N VAL D 33 -20.62 -11.96 8.81
CA VAL D 33 -19.85 -11.18 9.77
C VAL D 33 -20.73 -10.12 10.43
N ARG D 34 -20.25 -9.50 11.49
CA ARG D 34 -20.92 -8.35 12.05
C ARG D 34 -20.01 -7.14 11.92
N GLY D 35 -20.58 -6.00 11.54
CA GLY D 35 -19.80 -4.81 11.30
C GLY D 35 -20.34 -3.54 11.90
N PHE D 36 -19.47 -2.53 12.04
CA PHE D 36 -19.88 -1.23 12.51
C PHE D 36 -19.06 -0.17 11.77
N GLY D 37 -19.74 0.84 11.23
CA GLY D 37 -19.07 1.88 10.47
C GLY D 37 -19.93 3.11 10.30
N ARG D 38 -19.32 4.28 10.49
CA ARG D 38 -20.02 5.54 10.30
C ARG D 38 -19.59 6.21 8.99
N VAL D 53 -23.45 -5.00 20.55
CA VAL D 53 -23.84 -3.62 20.80
C VAL D 53 -24.12 -2.86 19.49
N GLU D 54 -23.12 -2.19 18.92
CA GLU D 54 -23.29 -1.44 17.70
C GLU D 54 -22.94 -2.27 16.47
N PHE D 55 -23.15 -3.58 16.55
CA PHE D 55 -22.77 -4.46 15.46
C PHE D 55 -23.96 -4.92 14.64
N LEU D 56 -23.83 -4.80 13.32
CA LEU D 56 -24.90 -5.12 12.39
C LEU D 56 -24.57 -6.35 11.57
N GLN D 57 -25.57 -7.17 11.27
CA GLN D 57 -25.36 -8.37 10.49
C GLN D 57 -25.02 -7.93 9.07
N LYS D 58 -23.89 -8.40 8.56
CA LYS D 58 -23.46 -8.06 7.21
C LYS D 58 -22.81 -9.25 6.54
N LEU D 59 -22.75 -9.19 5.21
CA LEU D 59 -22.14 -10.28 4.45
C LEU D 59 -20.76 -9.88 3.94
N LYS D 60 -19.88 -10.86 3.90
CA LYS D 60 -18.52 -10.66 3.44
C LYS D 60 -18.31 -11.51 2.20
N LEU D 61 -18.05 -10.85 1.07
CA LEU D 61 -17.86 -11.56 -0.18
C LEU D 61 -16.39 -11.57 -0.53
N GLU D 62 -15.87 -12.74 -0.86
CA GLU D 62 -14.47 -12.84 -1.23
C GLU D 62 -14.33 -13.36 -2.64
N ILE D 63 -13.86 -12.50 -3.53
CA ILE D 63 -13.73 -12.86 -4.93
C ILE D 63 -12.29 -12.60 -5.39
N VAL D 64 -11.64 -13.64 -5.88
CA VAL D 64 -10.28 -13.50 -6.38
C VAL D 64 -10.30 -13.37 -7.90
N VAL D 65 -9.77 -12.27 -8.39
CA VAL D 65 -9.83 -11.94 -9.81
C VAL D 65 -8.47 -11.57 -10.36
N GLU D 66 -8.44 -11.29 -11.66
CA GLU D 66 -7.23 -10.86 -12.33
C GLU D 66 -7.09 -9.36 -12.10
N ASP D 67 -5.86 -8.86 -12.10
CA ASP D 67 -5.62 -7.44 -11.83
C ASP D 67 -6.43 -6.58 -12.80
N ALA D 68 -6.44 -7.01 -14.06
CA ALA D 68 -7.09 -6.27 -15.13
C ALA D 68 -8.58 -6.18 -14.89
N GLN D 69 -9.12 -7.20 -14.23
CA GLN D 69 -10.55 -7.27 -13.99
C GLN D 69 -10.96 -6.54 -12.72
N VAL D 70 -10.00 -6.09 -11.93
CA VAL D 70 -10.35 -5.54 -10.61
C VAL D 70 -11.36 -4.40 -10.66
N ASP D 71 -10.99 -3.30 -11.32
CA ASP D 71 -11.83 -2.10 -11.32
C ASP D 71 -13.22 -2.36 -11.84
N THR D 72 -13.32 -3.07 -12.95
CA THR D 72 -14.60 -3.36 -13.56
C THR D 72 -15.46 -4.05 -12.53
N VAL D 73 -14.90 -5.08 -11.90
CA VAL D 73 -15.65 -5.87 -10.93
C VAL D 73 -16.11 -4.94 -9.82
N ILE D 74 -15.20 -4.08 -9.36
CA ILE D 74 -15.52 -3.15 -8.29
C ILE D 74 -16.70 -2.30 -8.73
N ASP D 75 -16.60 -1.74 -9.93
CA ASP D 75 -17.64 -0.85 -10.45
C ASP D 75 -18.97 -1.57 -10.51
N LYS D 76 -18.94 -2.87 -10.78
CA LYS D 76 -20.17 -3.63 -10.79
C LYS D 76 -20.70 -3.81 -9.37
N ILE D 77 -19.84 -4.22 -8.46
CA ILE D 77 -20.25 -4.51 -7.10
C ILE D 77 -20.91 -3.29 -6.48
N VAL D 78 -20.22 -2.15 -6.59
CA VAL D 78 -20.72 -0.89 -6.06
C VAL D 78 -22.06 -0.56 -6.70
N ALA D 79 -22.18 -0.79 -8.00
CA ALA D 79 -23.42 -0.50 -8.70
C ALA D 79 -24.58 -1.33 -8.13
N ALA D 80 -24.28 -2.55 -7.72
CA ALA D 80 -25.32 -3.47 -7.28
C ALA D 80 -25.61 -3.34 -5.78
N ALA D 81 -24.57 -3.09 -5.00
CA ALA D 81 -24.68 -3.11 -3.55
C ALA D 81 -25.03 -1.74 -2.97
N ARG D 82 -25.03 -0.73 -3.82
CA ARG D 82 -25.32 0.63 -3.37
C ARG D 82 -26.80 0.79 -3.06
N THR D 83 -27.09 1.63 -2.08
CA THR D 83 -28.46 1.95 -1.74
C THR D 83 -28.61 3.47 -1.73
N GLY D 84 -27.60 4.14 -1.18
CA GLY D 84 -27.62 5.59 -1.11
C GLY D 84 -27.69 6.02 0.34
N GLU D 85 -27.74 5.05 1.24
CA GLU D 85 -27.90 5.33 2.65
C GLU D 85 -26.67 4.85 3.42
N ILE D 86 -26.45 5.41 4.61
CA ILE D 86 -25.27 5.05 5.39
C ILE D 86 -25.30 3.60 5.86
N GLY D 87 -24.19 2.90 5.66
CA GLY D 87 -24.07 1.51 6.07
C GLY D 87 -23.97 0.54 4.92
N ASP D 88 -23.69 1.05 3.72
CA ASP D 88 -23.68 0.21 2.52
C ASP D 88 -22.50 -0.77 2.55
N GLY D 89 -21.41 -0.34 3.17
CA GLY D 89 -20.27 -1.20 3.38
C GLY D 89 -19.07 -0.77 2.57
N LYS D 90 -18.03 -1.59 2.57
CA LYS D 90 -16.82 -1.21 1.85
C LYS D 90 -16.18 -2.38 1.12
N ILE D 91 -15.18 -2.06 0.30
CA ILE D 91 -14.48 -3.07 -0.48
C ILE D 91 -12.98 -2.88 -0.38
N PHE D 92 -12.27 -3.95 -0.01
CA PHE D 92 -10.82 -3.90 0.13
C PHE D 92 -10.16 -4.78 -0.91
N VAL D 93 -9.16 -4.23 -1.60
CA VAL D 93 -8.40 -5.02 -2.55
C VAL D 93 -7.04 -5.35 -1.93
N SER D 94 -6.72 -6.64 -1.86
CA SER D 94 -5.46 -7.09 -1.26
C SER D 94 -4.74 -8.02 -2.22
N PRO D 95 -3.39 -8.03 -2.15
CA PRO D 95 -2.64 -8.90 -3.06
C PRO D 95 -2.67 -10.38 -2.65
N VAL D 96 -2.73 -11.24 -3.67
CA VAL D 96 -2.60 -12.68 -3.46
C VAL D 96 -1.42 -13.17 -4.29
N ASP D 97 -0.49 -13.87 -3.66
CA ASP D 97 0.77 -14.25 -4.31
C ASP D 97 0.61 -15.53 -5.13
N GLN D 98 -0.37 -16.35 -4.78
CA GLN D 98 -0.62 -17.61 -5.48
C GLN D 98 -2.09 -17.97 -5.33
N THR D 99 -2.67 -18.53 -6.40
CA THR D 99 -4.01 -19.09 -6.35
C THR D 99 -4.03 -20.38 -7.14
N ILE D 100 -4.38 -21.47 -6.46
CA ILE D 100 -4.33 -22.79 -7.06
C ILE D 100 -5.65 -23.51 -6.89
N ARG D 101 -6.12 -24.19 -7.94
CA ARG D 101 -7.32 -24.99 -7.83
C ARG D 101 -6.91 -26.37 -7.35
N ILE D 102 -7.63 -26.89 -6.36
CA ILE D 102 -7.25 -28.12 -5.69
C ILE D 102 -7.57 -29.35 -6.54
N ARG D 103 -8.73 -29.29 -7.19
CA ARG D 103 -9.23 -30.39 -8.01
C ARG D 103 -8.29 -30.77 -9.15
N THR D 104 -7.83 -29.77 -9.88
CA THR D 104 -6.98 -30.01 -11.03
C THR D 104 -5.50 -29.75 -10.75
N GLY D 105 -5.20 -28.59 -10.20
CA GLY D 105 -3.82 -28.20 -9.94
C GLY D 105 -3.51 -26.96 -10.75
N GLU D 106 -4.54 -26.41 -11.38
CA GLU D 106 -4.42 -25.20 -12.16
C GLU D 106 -4.02 -24.01 -11.31
N LYS D 107 -3.34 -23.06 -11.94
CA LYS D 107 -2.86 -21.87 -11.26
C LYS D 107 -3.34 -20.60 -11.97
N ASN D 108 -3.28 -19.49 -11.24
CA ASN D 108 -3.66 -18.17 -11.76
C ASN D 108 -5.06 -18.10 -12.37
N ALA D 109 -5.15 -17.52 -13.56
CA ALA D 109 -6.43 -17.26 -14.21
C ALA D 109 -7.22 -18.54 -14.47
N ASP D 110 -6.49 -19.64 -14.62
CA ASP D 110 -7.10 -20.95 -14.85
C ASP D 110 -7.86 -21.42 -13.62
N ALA D 111 -7.34 -21.06 -12.45
CA ALA D 111 -7.90 -21.53 -11.19
C ALA D 111 -9.21 -20.84 -10.80
N ILE D 112 -9.48 -19.68 -11.39
CA ILE D 112 -10.69 -18.94 -11.03
C ILE D 112 -11.59 -18.66 -12.24
N SER D 113 -11.33 -19.32 -13.35
CA SER D 113 -12.15 -19.21 -14.55
C SER D 113 -12.42 -20.61 -15.10
N ALA D 114 -13.55 -20.81 -15.74
CA ALA D 114 -13.90 -22.14 -16.22
C ALA D 114 -14.82 -22.16 -17.45
N TRP D 115 -14.25 -22.49 -18.59
CA TRP D 115 -15.02 -22.61 -19.82
C TRP D 115 -14.99 -24.05 -20.33
N MET E 1 -2.13 1.92 3.85
CA MET E 1 -3.34 1.13 4.04
C MET E 1 -2.97 -0.28 4.49
N LYS E 2 -3.23 -0.58 5.75
CA LYS E 2 -2.92 -1.89 6.32
C LYS E 2 -4.13 -2.54 6.98
N LYS E 3 -4.17 -3.87 6.94
CA LYS E 3 -5.24 -4.63 7.55
C LYS E 3 -4.72 -5.38 8.78
N ILE E 4 -5.21 -4.97 9.94
CA ILE E 4 -4.87 -5.62 11.19
C ILE E 4 -5.94 -6.65 11.49
N GLU E 5 -5.53 -7.90 11.67
CA GLU E 5 -6.45 -8.99 11.93
C GLU E 5 -6.13 -9.65 13.27
N ALA E 6 -7.00 -9.44 14.25
CA ALA E 6 -6.77 -9.94 15.59
C ALA E 6 -7.75 -11.03 15.96
N ILE E 7 -7.26 -12.27 16.05
CA ILE E 7 -8.08 -13.37 16.55
C ILE E 7 -7.90 -13.45 18.07
N ILE E 8 -9.00 -13.22 18.78
CA ILE E 8 -8.98 -13.12 20.24
C ILE E 8 -10.05 -14.01 20.86
N ARG E 9 -10.08 -14.02 22.19
CA ARG E 9 -11.10 -14.73 22.95
C ARG E 9 -12.42 -13.98 22.83
N PRO E 10 -13.53 -14.70 22.71
CA PRO E 10 -14.87 -14.12 22.51
C PRO E 10 -15.20 -13.02 23.53
N PHE E 11 -15.16 -13.36 24.81
CA PHE E 11 -15.60 -12.45 25.87
C PHE E 11 -14.79 -11.16 25.94
N LYS E 12 -13.64 -11.12 25.29
CA LYS E 12 -12.77 -9.96 25.33
C LYS E 12 -13.21 -8.92 24.32
N LEU E 13 -14.05 -9.35 23.38
CA LEU E 13 -14.51 -8.50 22.27
C LEU E 13 -14.84 -7.09 22.72
N ASP E 14 -15.89 -6.98 23.53
CA ASP E 14 -16.33 -5.70 24.05
C ASP E 14 -15.16 -4.88 24.56
N GLU E 15 -14.38 -5.47 25.47
CA GLU E 15 -13.24 -4.79 26.06
C GLU E 15 -12.34 -4.23 24.97
N VAL E 16 -11.94 -5.10 24.04
CA VAL E 16 -11.10 -4.67 22.94
C VAL E 16 -11.80 -3.60 22.09
N LYS E 17 -13.06 -3.88 21.74
CA LYS E 17 -13.81 -3.02 20.81
C LYS E 17 -13.84 -1.58 21.27
N ILE E 18 -14.19 -1.38 22.55
CA ILE E 18 -14.31 -0.06 23.11
C ILE E 18 -13.00 0.69 22.95
N ALA E 19 -11.90 0.00 23.26
CA ALA E 19 -10.58 0.60 23.17
C ALA E 19 -10.37 1.13 21.77
N LEU E 20 -10.76 0.33 20.80
CA LEU E 20 -10.55 0.67 19.40
C LEU E 20 -11.31 1.93 19.02
N VAL E 21 -12.52 2.10 19.55
CA VAL E 21 -13.29 3.29 19.20
C VAL E 21 -12.65 4.52 19.85
N ASN E 22 -11.95 4.29 20.95
CA ASN E 22 -11.26 5.37 21.63
C ASN E 22 -9.92 5.66 20.96
N ALA E 23 -9.51 4.76 20.07
CA ALA E 23 -8.27 4.93 19.33
C ALA E 23 -8.52 5.74 18.07
N GLY E 24 -9.80 5.93 17.75
CA GLY E 24 -10.19 6.71 16.59
C GLY E 24 -10.38 5.84 15.37
N ILE E 25 -10.54 4.54 15.59
CA ILE E 25 -10.80 3.61 14.50
C ILE E 25 -12.28 3.70 14.15
N VAL E 26 -12.57 3.96 12.88
CA VAL E 26 -13.94 4.17 12.43
C VAL E 26 -14.72 2.86 12.32
N GLY E 27 -14.08 1.81 11.81
CA GLY E 27 -14.77 0.56 11.57
C GLY E 27 -13.98 -0.73 11.72
N MET E 28 -14.71 -1.82 11.89
CA MET E 28 -14.13 -3.16 11.96
C MET E 28 -15.18 -4.20 11.62
N THR E 29 -14.73 -5.42 11.34
CA THR E 29 -15.63 -6.54 11.07
C THR E 29 -15.26 -7.74 11.94
N VAL E 30 -16.25 -8.31 12.60
CA VAL E 30 -15.99 -9.43 13.50
C VAL E 30 -16.67 -10.69 12.96
N SER E 31 -15.91 -11.78 12.90
CA SER E 31 -16.46 -13.05 12.47
C SER E 31 -16.21 -14.07 13.57
N GLU E 32 -17.00 -15.14 13.59
CA GLU E 32 -16.80 -16.17 14.60
C GLU E 32 -16.12 -17.38 13.98
N VAL E 33 -15.02 -17.79 14.60
CA VAL E 33 -14.19 -18.86 14.08
C VAL E 33 -13.85 -19.87 15.16
N ARG E 34 -13.27 -20.99 14.74
CA ARG E 34 -12.74 -21.97 15.67
C ARG E 34 -11.23 -21.97 15.49
N GLY E 35 -10.51 -22.18 16.58
CA GLY E 35 -9.07 -22.07 16.54
C GLY E 35 -8.47 -23.36 17.05
N PHE E 36 -7.19 -23.56 16.74
CA PHE E 36 -6.51 -24.79 17.11
C PHE E 36 -5.09 -24.48 17.58
N GLY E 37 -4.74 -24.97 18.77
CA GLY E 37 -5.65 -25.75 19.58
C GLY E 37 -5.24 -25.81 21.04
N ARG E 38 -3.94 -25.76 21.29
CA ARG E 38 -3.43 -25.74 22.66
C ARG E 38 -2.02 -25.16 22.70
N GLU E 54 -11.16 -30.34 19.87
CA GLU E 54 -9.84 -29.76 19.66
C GLU E 54 -9.92 -28.29 19.25
N PHE E 55 -11.10 -27.85 18.82
CA PHE E 55 -11.24 -26.50 18.31
C PHE E 55 -11.97 -25.61 19.32
N LEU E 56 -11.45 -24.41 19.53
CA LEU E 56 -12.03 -23.52 20.54
C LEU E 56 -12.75 -22.33 19.90
N GLN E 57 -13.86 -21.93 20.49
CA GLN E 57 -14.64 -20.82 19.96
C GLN E 57 -13.87 -19.52 20.15
N LYS E 58 -13.63 -18.80 19.06
CA LYS E 58 -12.88 -17.55 19.12
C LYS E 58 -13.42 -16.52 18.13
N LEU E 59 -13.07 -15.26 18.36
CA LEU E 59 -13.51 -14.20 17.46
C LEU E 59 -12.38 -13.68 16.59
N LYS E 60 -12.70 -13.30 15.37
CA LYS E 60 -11.73 -12.77 14.43
C LYS E 60 -12.09 -11.33 14.11
N LEU E 61 -11.19 -10.41 14.42
CA LEU E 61 -11.43 -8.99 14.24
C LEU E 61 -10.66 -8.49 13.02
N GLU E 62 -11.33 -7.79 12.12
CA GLU E 62 -10.67 -7.25 10.94
C GLU E 62 -10.81 -5.74 10.88
N ILE E 63 -9.70 -5.04 11.04
CA ILE E 63 -9.70 -3.59 11.05
C ILE E 63 -8.74 -3.03 10.01
N VAL E 64 -9.23 -2.22 9.09
CA VAL E 64 -8.37 -1.59 8.11
C VAL E 64 -8.04 -0.16 8.52
N VAL E 65 -6.76 0.10 8.70
CA VAL E 65 -6.29 1.38 9.20
C VAL E 65 -5.18 1.93 8.33
N GLU E 66 -4.69 3.11 8.68
CA GLU E 66 -3.57 3.71 7.98
C GLU E 66 -2.28 3.16 8.57
N ASP E 67 -1.23 3.17 7.75
CA ASP E 67 0.07 2.61 8.11
C ASP E 67 0.60 3.16 9.44
N ALA E 68 0.34 4.43 9.70
CA ALA E 68 0.86 5.09 10.91
C ALA E 68 0.25 4.53 12.20
N GLN E 69 -0.99 4.08 12.15
CA GLN E 69 -1.69 3.64 13.36
C GLN E 69 -1.49 2.16 13.73
N VAL E 70 -0.89 1.38 12.84
CA VAL E 70 -0.87 -0.08 13.01
C VAL E 70 -0.33 -0.48 14.38
N ASP E 71 0.90 -0.08 14.68
CA ASP E 71 1.53 -0.46 15.93
C ASP E 71 0.66 -0.02 17.09
N THR E 72 0.18 1.21 17.01
CA THR E 72 -0.62 1.76 18.09
C THR E 72 -1.82 0.88 18.33
N VAL E 73 -2.54 0.56 17.26
CA VAL E 73 -3.75 -0.22 17.38
C VAL E 73 -3.40 -1.56 18.00
N ILE E 74 -2.31 -2.13 17.51
CA ILE E 74 -1.85 -3.43 17.98
C ILE E 74 -1.61 -3.35 19.47
N ASP E 75 -0.90 -2.31 19.89
CA ASP E 75 -0.54 -2.14 21.28
C ASP E 75 -1.78 -2.11 22.16
N LYS E 76 -2.86 -1.54 21.64
CA LYS E 76 -4.10 -1.53 22.39
C LYS E 76 -4.73 -2.91 22.44
N ILE E 77 -4.82 -3.56 21.28
CA ILE E 77 -5.51 -4.84 21.17
C ILE E 77 -4.91 -5.85 22.14
N VAL E 78 -3.59 -5.96 22.09
CA VAL E 78 -2.89 -6.90 22.97
C VAL E 78 -3.17 -6.53 24.42
N ALA E 79 -3.10 -5.23 24.70
CA ALA E 79 -3.31 -4.72 26.06
C ALA E 79 -4.69 -5.11 26.55
N ALA E 80 -5.63 -5.17 25.61
CA ALA E 80 -7.01 -5.45 25.93
C ALA E 80 -7.23 -6.97 25.96
N ALA E 81 -6.50 -7.69 25.11
CA ALA E 81 -6.77 -9.11 24.91
C ALA E 81 -5.97 -10.05 25.82
N ARG E 82 -5.06 -9.47 26.60
CA ARG E 82 -4.22 -10.23 27.52
C ARG E 82 -5.09 -10.73 28.68
N THR E 83 -4.82 -11.95 29.18
CA THR E 83 -5.57 -12.50 30.32
C THR E 83 -4.68 -13.02 31.45
N GLY E 84 -4.12 -14.22 31.23
CA GLY E 84 -3.23 -14.84 32.20
C GLY E 84 -2.81 -16.23 31.78
N GLU E 85 -3.58 -16.84 30.87
CA GLU E 85 -3.28 -18.19 30.39
C GLU E 85 -3.09 -18.29 28.87
N ILE E 86 -2.50 -19.42 28.47
CA ILE E 86 -2.22 -19.74 27.07
C ILE E 86 -3.49 -19.83 26.22
N GLY E 87 -3.47 -19.19 25.05
CA GLY E 87 -4.62 -19.23 24.16
C GLY E 87 -5.32 -17.91 23.92
N ASP E 88 -4.65 -16.81 24.23
CA ASP E 88 -5.30 -15.50 24.14
C ASP E 88 -5.56 -15.09 22.69
N GLY E 89 -4.64 -15.42 21.78
CA GLY E 89 -4.91 -15.16 20.38
C GLY E 89 -3.70 -14.77 19.56
N LYS E 90 -3.95 -14.31 18.34
CA LYS E 90 -2.86 -13.83 17.48
C LYS E 90 -3.26 -12.58 16.72
N ILE E 91 -2.27 -11.90 16.13
CA ILE E 91 -2.52 -10.70 15.34
C ILE E 91 -1.66 -10.73 14.07
N PHE E 92 -2.32 -10.63 12.91
CA PHE E 92 -1.62 -10.64 11.63
C PHE E 92 -1.85 -9.32 10.90
N VAL E 93 -0.76 -8.70 10.45
CA VAL E 93 -0.89 -7.48 9.67
C VAL E 93 -0.60 -7.77 8.20
N SER E 94 -1.53 -7.36 7.33
CA SER E 94 -1.43 -7.62 5.89
C SER E 94 -1.61 -6.35 5.08
N PRO E 95 -0.99 -6.29 3.88
CA PRO E 95 -1.12 -5.09 3.05
C PRO E 95 -2.49 -4.97 2.39
N VAL E 96 -3.00 -3.75 2.27
CA VAL E 96 -4.23 -3.50 1.52
C VAL E 96 -3.94 -2.52 0.40
N ASP E 97 -4.27 -2.90 -0.83
CA ASP E 97 -3.88 -2.11 -1.99
C ASP E 97 -4.92 -1.03 -2.33
N GLN E 98 -6.16 -1.26 -1.94
CA GLN E 98 -7.23 -0.33 -2.28
C GLN E 98 -8.40 -0.46 -1.31
N THR E 99 -9.06 0.66 -1.01
CA THR E 99 -10.27 0.64 -0.21
C THR E 99 -11.30 1.63 -0.74
N ILE E 100 -12.48 1.13 -1.08
CA ILE E 100 -13.50 1.96 -1.70
C ILE E 100 -14.82 1.86 -0.93
N ARG E 101 -15.45 3.01 -0.76
CA ARG E 101 -16.75 3.11 -0.09
C ARG E 101 -17.88 2.96 -1.11
N ILE E 102 -18.88 2.15 -0.76
CA ILE E 102 -19.92 1.79 -1.72
C ILE E 102 -20.98 2.87 -1.98
N ARG E 103 -21.43 3.55 -0.93
CA ARG E 103 -22.48 4.55 -1.07
C ARG E 103 -22.08 5.68 -2.00
N THR E 104 -20.87 6.19 -1.83
CA THR E 104 -20.40 7.32 -2.63
C THR E 104 -19.52 6.90 -3.80
N GLY E 105 -18.48 6.12 -3.50
CA GLY E 105 -17.53 5.71 -4.51
C GLY E 105 -16.16 6.25 -4.22
N GLU E 106 -16.00 6.83 -3.03
CA GLU E 106 -14.72 7.39 -2.60
C GLU E 106 -13.64 6.32 -2.51
N LYS E 107 -12.39 6.72 -2.66
CA LYS E 107 -11.27 5.79 -2.60
C LYS E 107 -10.24 6.19 -1.54
N ASN E 108 -9.46 5.20 -1.10
CA ASN E 108 -8.41 5.39 -0.10
C ASN E 108 -8.82 6.12 1.18
N ALA E 109 -8.06 7.15 1.54
CA ALA E 109 -8.22 7.83 2.83
C ALA E 109 -9.61 8.38 3.08
N ASP E 110 -10.33 8.71 2.01
CA ASP E 110 -11.70 9.21 2.14
C ASP E 110 -12.60 8.10 2.66
N ALA E 111 -12.32 6.87 2.25
CA ALA E 111 -13.15 5.73 2.60
C ALA E 111 -12.96 5.31 4.05
N MET F 1 6.61 -13.34 5.91
CA MET F 1 5.57 -14.26 6.35
C MET F 1 4.51 -14.41 5.26
N LYS F 2 3.94 -15.60 5.16
CA LYS F 2 2.88 -15.86 4.19
C LYS F 2 1.64 -16.47 4.83
N LYS F 3 0.49 -16.11 4.28
CA LYS F 3 -0.79 -16.63 4.75
C LYS F 3 -1.42 -17.54 3.72
N ILE F 4 -1.53 -18.81 4.05
CA ILE F 4 -2.17 -19.79 3.18
C ILE F 4 -3.62 -19.90 3.60
N GLU F 5 -4.51 -19.69 2.63
CA GLU F 5 -5.94 -19.74 2.88
C GLU F 5 -6.56 -20.82 2.02
N ALA F 6 -6.99 -21.91 2.65
CA ALA F 6 -7.53 -23.04 1.92
C ALA F 6 -9.03 -23.21 2.17
N ILE F 7 -9.82 -22.90 1.15
CA ILE F 7 -11.25 -23.15 1.21
C ILE F 7 -11.48 -24.57 0.67
N ILE F 8 -11.96 -25.45 1.53
CA ILE F 8 -12.09 -26.86 1.20
C ILE F 8 -13.47 -27.40 1.55
N ARG F 9 -13.71 -28.66 1.20
CA ARG F 9 -14.93 -29.34 1.59
C ARG F 9 -14.86 -29.65 3.08
N PRO F 10 -16.00 -29.48 3.78
CA PRO F 10 -16.10 -29.67 5.23
C PRO F 10 -15.51 -31.00 5.71
N PHE F 11 -16.00 -32.11 5.17
CA PHE F 11 -15.62 -33.44 5.63
C PHE F 11 -14.13 -33.73 5.47
N LYS F 12 -13.45 -32.90 4.69
CA LYS F 12 -12.03 -33.10 4.42
C LYS F 12 -11.16 -32.53 5.54
N LEU F 13 -11.76 -31.67 6.37
CA LEU F 13 -11.06 -30.97 7.44
C LEU F 13 -10.09 -31.87 8.20
N ASP F 14 -10.66 -32.86 8.90
CA ASP F 14 -9.90 -33.82 9.68
C ASP F 14 -8.69 -34.29 8.89
N GLU F 15 -8.96 -34.79 7.68
CA GLU F 15 -7.93 -35.35 6.82
C GLU F 15 -6.81 -34.33 6.58
N VAL F 16 -7.17 -33.14 6.10
CA VAL F 16 -6.15 -32.11 5.84
C VAL F 16 -5.41 -31.84 7.14
N LYS F 17 -6.18 -31.75 8.24
CA LYS F 17 -5.66 -31.48 9.56
C LYS F 17 -4.57 -32.50 9.88
N ILE F 18 -4.85 -33.77 9.61
CA ILE F 18 -3.89 -34.83 9.89
C ILE F 18 -2.58 -34.54 9.18
N ALA F 19 -2.68 -34.17 7.90
CA ALA F 19 -1.50 -33.86 7.11
C ALA F 19 -0.69 -32.78 7.80
N LEU F 20 -1.40 -31.75 8.25
CA LEU F 20 -0.76 -30.61 8.88
C LEU F 20 -0.08 -31.05 10.18
N VAL F 21 -0.70 -31.98 10.91
CA VAL F 21 -0.11 -32.45 12.15
C VAL F 21 1.15 -33.23 11.82
N ASN F 22 1.14 -33.89 10.66
CA ASN F 22 2.30 -34.62 10.19
C ASN F 22 3.28 -33.67 9.51
N ALA F 23 2.81 -32.46 9.20
CA ALA F 23 3.64 -31.46 8.54
C ALA F 23 4.42 -30.61 9.54
N GLY F 24 4.04 -30.71 10.81
CA GLY F 24 4.71 -29.96 11.86
C GLY F 24 4.02 -28.64 12.14
N ILE F 25 2.78 -28.52 11.70
CA ILE F 25 1.98 -27.32 11.96
C ILE F 25 1.41 -27.33 13.37
N VAL F 26 1.74 -26.29 14.14
CA VAL F 26 1.33 -26.20 15.53
C VAL F 26 -0.13 -25.77 15.65
N GLY F 27 -0.54 -24.81 14.84
CA GLY F 27 -1.87 -24.23 14.93
C GLY F 27 -2.47 -23.74 13.63
N MET F 28 -3.79 -23.60 13.61
CA MET F 28 -4.49 -23.05 12.45
C MET F 28 -5.84 -22.52 12.91
N THR F 29 -6.50 -21.74 12.05
CA THR F 29 -7.83 -21.23 12.37
C THR F 29 -8.81 -21.54 11.24
N VAL F 30 -9.94 -22.15 11.61
CA VAL F 30 -10.94 -22.58 10.64
C VAL F 30 -12.28 -21.87 10.87
N SER F 31 -12.86 -21.34 9.79
CA SER F 31 -14.15 -20.69 9.83
C SER F 31 -15.12 -21.36 8.87
N GLU F 32 -16.41 -21.14 9.08
CA GLU F 32 -17.44 -21.73 8.22
C GLU F 32 -17.94 -20.70 7.22
N VAL F 33 -17.93 -21.06 5.94
CA VAL F 33 -18.33 -20.14 4.89
C VAL F 33 -19.32 -20.77 3.92
N ARG F 34 -19.92 -19.93 3.08
CA ARG F 34 -20.76 -20.40 1.99
C ARG F 34 -20.05 -20.04 0.70
N GLY F 35 -20.14 -20.92 -0.29
CA GLY F 35 -19.38 -20.72 -1.52
C GLY F 35 -20.23 -20.77 -2.76
N PHE F 36 -19.67 -20.26 -3.85
CA PHE F 36 -20.35 -20.20 -5.13
C PHE F 36 -19.33 -20.52 -6.21
N GLY F 37 -19.69 -21.41 -7.12
CA GLY F 37 -18.80 -21.79 -8.20
C GLY F 37 -19.51 -22.49 -9.35
N ARG F 38 -19.13 -23.74 -9.59
CA ARG F 38 -19.76 -24.55 -10.62
C ARG F 38 -20.68 -25.59 -9.99
N GLN F 39 -20.18 -26.24 -8.94
CA GLN F 39 -20.97 -27.17 -8.14
C GLN F 39 -22.21 -26.49 -7.57
N LYS F 40 -23.33 -27.20 -7.62
CA LYS F 40 -24.59 -26.69 -7.07
C LYS F 40 -25.25 -27.74 -6.18
N GLY F 41 -26.49 -28.10 -6.51
CA GLY F 41 -27.20 -29.13 -5.78
C GLY F 41 -28.70 -28.87 -5.70
N TYR F 51 -36.48 -25.30 -6.55
CA TYR F 51 -35.25 -24.53 -6.42
C TYR F 51 -34.03 -25.44 -6.42
N THR F 52 -32.85 -24.82 -6.51
CA THR F 52 -31.59 -25.54 -6.55
C THR F 52 -30.62 -24.88 -5.60
N VAL F 53 -29.73 -25.69 -4.99
CA VAL F 53 -28.76 -25.19 -4.03
C VAL F 53 -28.12 -23.88 -4.49
N GLU F 54 -28.05 -22.93 -3.57
CA GLU F 54 -27.53 -21.61 -3.85
C GLU F 54 -26.04 -21.61 -3.61
N PHE F 55 -25.70 -21.35 -2.35
CA PHE F 55 -24.34 -21.28 -1.86
C PHE F 55 -24.11 -22.54 -1.04
N LEU F 56 -22.94 -23.17 -1.19
CA LEU F 56 -22.70 -24.46 -0.57
C LEU F 56 -21.81 -24.34 0.66
N GLN F 57 -22.07 -25.15 1.66
CA GLN F 57 -21.31 -25.09 2.90
C GLN F 57 -19.88 -25.53 2.65
N LYS F 58 -18.93 -24.68 3.05
CA LYS F 58 -17.51 -24.96 2.85
C LYS F 58 -16.72 -24.50 4.07
N LEU F 59 -15.51 -25.03 4.21
CA LEU F 59 -14.64 -24.64 5.32
C LEU F 59 -13.52 -23.75 4.84
N LYS F 60 -13.13 -22.80 5.69
CA LYS F 60 -12.06 -21.87 5.37
C LYS F 60 -10.91 -22.02 6.36
N LEU F 61 -9.74 -22.38 5.85
CA LEU F 61 -8.57 -22.60 6.70
C LEU F 61 -7.55 -21.47 6.54
N GLU F 62 -7.10 -20.90 7.66
CA GLU F 62 -6.11 -19.83 7.60
C GLU F 62 -4.85 -20.20 8.38
N ILE F 63 -3.75 -20.36 7.64
CA ILE F 63 -2.50 -20.78 8.24
C ILE F 63 -1.38 -19.80 7.91
N VAL F 64 -0.76 -19.21 8.92
CA VAL F 64 0.35 -18.31 8.67
C VAL F 64 1.69 -18.99 8.93
N VAL F 65 2.51 -19.07 7.88
CA VAL F 65 3.78 -19.79 7.97
C VAL F 65 4.89 -18.95 7.37
N GLU F 66 6.11 -19.48 7.42
CA GLU F 66 7.24 -18.81 6.78
C GLU F 66 7.21 -19.21 5.32
N ASP F 67 7.75 -18.36 4.46
CA ASP F 67 7.69 -18.57 3.01
C ASP F 67 8.19 -19.95 2.61
N ALA F 68 9.24 -20.41 3.28
CA ALA F 68 9.88 -21.67 2.94
C ALA F 68 8.94 -22.84 3.13
N GLN F 69 8.02 -22.71 4.08
CA GLN F 69 7.11 -23.80 4.39
C GLN F 69 5.86 -23.73 3.52
N VAL F 70 5.70 -22.66 2.75
CA VAL F 70 4.47 -22.45 1.99
C VAL F 70 4.13 -23.59 1.03
N ASP F 71 5.02 -23.83 0.07
CA ASP F 71 4.75 -24.78 -1.00
C ASP F 71 4.45 -26.16 -0.43
N THR F 72 5.28 -26.57 0.53
CA THR F 72 5.12 -27.88 1.13
C THR F 72 3.72 -27.99 1.71
N VAL F 73 3.32 -26.99 2.49
CA VAL F 73 2.02 -27.03 3.14
C VAL F 73 0.94 -27.10 2.07
N ILE F 74 1.10 -26.30 1.01
CA ILE F 74 0.13 -26.29 -0.07
C ILE F 74 0.03 -27.69 -0.62
N ASP F 75 1.19 -28.27 -0.92
CA ASP F 75 1.26 -29.59 -1.50
C ASP F 75 0.61 -30.62 -0.58
N LYS F 76 0.71 -30.39 0.72
CA LYS F 76 0.05 -31.28 1.66
C LYS F 76 -1.46 -31.11 1.58
N ILE F 77 -1.90 -29.85 1.63
CA ILE F 77 -3.33 -29.55 1.63
C ILE F 77 -4.00 -30.12 0.40
N VAL F 78 -3.40 -29.85 -0.75
CA VAL F 78 -3.91 -30.32 -2.03
C VAL F 78 -3.96 -31.84 -2.00
N ALA F 79 -2.92 -32.45 -1.43
CA ALA F 79 -2.88 -33.91 -1.34
C ALA F 79 -4.05 -34.45 -0.52
N ALA F 80 -4.44 -33.70 0.50
CA ALA F 80 -5.46 -34.17 1.43
C ALA F 80 -6.90 -33.80 1.05
N ALA F 81 -7.09 -32.60 0.50
CA ALA F 81 -8.45 -32.09 0.25
C ALA F 81 -9.02 -32.38 -1.13
N ARG F 82 -8.18 -32.90 -2.03
CA ARG F 82 -8.62 -33.19 -3.39
C ARG F 82 -9.51 -34.43 -3.44
N THR F 83 -10.44 -34.46 -4.39
CA THR F 83 -11.27 -35.64 -4.62
C THR F 83 -11.18 -36.04 -6.08
N GLY F 84 -11.21 -35.04 -6.95
CA GLY F 84 -11.17 -35.26 -8.37
C GLY F 84 -12.47 -34.80 -8.99
N GLU F 85 -13.40 -34.35 -8.14
CA GLU F 85 -14.71 -33.91 -8.60
C GLU F 85 -14.92 -32.43 -8.27
N ILE F 86 -15.87 -31.81 -8.95
CA ILE F 86 -16.12 -30.38 -8.79
C ILE F 86 -16.58 -30.01 -7.39
N GLY F 87 -15.95 -29.00 -6.81
CA GLY F 87 -16.28 -28.53 -5.48
C GLY F 87 -15.18 -28.77 -4.45
N ASP F 88 -13.98 -29.10 -4.91
CA ASP F 88 -12.90 -29.43 -3.99
C ASP F 88 -12.38 -28.21 -3.25
N GLY F 89 -12.44 -27.05 -3.90
CA GLY F 89 -12.10 -25.81 -3.24
C GLY F 89 -10.95 -25.07 -3.88
N LYS F 90 -10.46 -24.03 -3.19
CA LYS F 90 -9.36 -23.22 -3.72
C LYS F 90 -8.33 -22.93 -2.63
N ILE F 91 -7.16 -22.45 -3.05
CA ILE F 91 -6.11 -22.07 -2.13
C ILE F 91 -5.47 -20.76 -2.57
N PHE F 92 -5.51 -19.76 -1.70
CA PHE F 92 -4.91 -18.46 -2.00
C PHE F 92 -3.82 -18.14 -0.99
N VAL F 93 -2.63 -17.77 -1.45
CA VAL F 93 -1.58 -17.34 -0.54
C VAL F 93 -1.42 -15.82 -0.65
N SER F 94 -1.41 -15.16 0.50
CA SER F 94 -1.33 -13.70 0.56
C SER F 94 -0.18 -13.28 1.47
N PRO F 95 0.42 -12.12 1.20
CA PRO F 95 1.55 -11.70 2.03
C PRO F 95 1.09 -11.23 3.42
N VAL F 96 1.87 -11.55 4.44
CA VAL F 96 1.63 -11.04 5.78
C VAL F 96 2.85 -10.29 6.27
N ASP F 97 2.64 -9.04 6.67
CA ASP F 97 3.75 -8.17 7.01
C ASP F 97 4.19 -8.30 8.47
N GLN F 98 3.29 -8.77 9.35
CA GLN F 98 3.62 -8.92 10.76
C GLN F 98 2.73 -9.97 11.42
N THR F 99 3.30 -10.70 12.38
CA THR F 99 2.55 -11.69 13.14
C THR F 99 2.91 -11.58 14.61
N ILE F 100 1.88 -11.37 15.44
CA ILE F 100 2.10 -11.09 16.85
C ILE F 100 1.29 -11.99 17.77
N ARG F 101 1.95 -12.48 18.82
CA ARG F 101 1.32 -13.25 19.88
C ARG F 101 0.88 -12.29 21.00
N ILE F 102 -0.35 -12.47 21.48
CA ILE F 102 -0.94 -11.52 22.43
C ILE F 102 -0.31 -11.69 23.80
N ARG F 103 -0.01 -12.94 24.14
CA ARG F 103 0.46 -13.31 25.48
C ARG F 103 1.73 -12.61 25.94
N THR F 104 2.74 -12.70 25.10
CA THR F 104 4.06 -12.19 25.39
C THR F 104 4.30 -10.89 24.66
N GLY F 105 4.04 -10.91 23.36
CA GLY F 105 4.30 -9.75 22.53
C GLY F 105 5.32 -10.12 21.47
N GLU F 106 5.57 -11.43 21.32
CA GLU F 106 6.53 -11.93 20.35
C GLU F 106 6.15 -11.53 18.93
N LYS F 107 7.14 -11.42 18.06
CA LYS F 107 6.92 -11.01 16.67
C LYS F 107 7.50 -12.02 15.68
N ASN F 108 6.97 -11.97 14.45
CA ASN F 108 7.43 -12.84 13.36
C ASN F 108 7.45 -14.33 13.74
N ALA F 109 8.55 -15.00 13.43
CA ALA F 109 8.68 -16.44 13.55
C ALA F 109 8.44 -16.95 14.97
N ASP F 110 8.72 -16.09 15.94
CA ASP F 110 8.54 -16.44 17.34
C ASP F 110 7.06 -16.63 17.68
N ALA F 111 6.19 -15.85 17.05
CA ALA F 111 4.78 -15.87 17.41
C ALA F 111 3.96 -17.06 16.90
N ILE F 112 4.43 -17.73 15.86
CA ILE F 112 3.67 -18.84 15.28
C ILE F 112 4.42 -20.17 15.22
N SER F 113 5.52 -20.27 15.93
CA SER F 113 6.32 -21.50 15.95
C SER F 113 6.65 -21.92 17.38
N ALA F 114 6.77 -23.22 17.59
CA ALA F 114 7.03 -23.77 18.92
C ALA F 114 8.39 -24.45 18.98
#